data_6VND
#
_entry.id   6VND
#
_cell.length_a   90.526
_cell.length_b   90.526
_cell.length_c   123.761
_cell.angle_alpha   90.000
_cell.angle_beta   90.000
_cell.angle_gamma   120.000
#
_symmetry.space_group_name_H-M   'P 32 2 1'
#
loop_
_entity.id
_entity.type
_entity.pdbx_description
1 polymer 'Dihydroorotate dehydrogenase (quinone), mitochondrial'
2 non-polymer "1-methyl-5-(2'-methyl[1,1'-biphenyl]-4-yl)-1H-benzotriazole-7-carboxylic acid"
3 non-polymer UNDECYLAMINE-N,N-DIMETHYL-N-OXIDE
4 non-polymer DECYLAMINE-N,N-DIMETHYL-N-OXIDE
5 non-polymer 'CHLORIDE ION'
6 non-polymer 'SODIUM ION'
7 non-polymer 'FLAVIN MONONUCLEOTIDE'
8 non-polymer 'OROTIC ACID'
9 non-polymer 'ACETATE ION'
10 non-polymer GLYCEROL
11 water water
#
_entity_poly.entity_id   1
_entity_poly.type   'polypeptide(L)'
_entity_poly.pdbx_seq_one_letter_code
;GMATGDERFYAEHLMPTLQGLLDPESAHRLAVRFTSLGLLPRARFQDSDMLEVRVLGHKFRNPVGIAAGFDKHGEAVDGL
YKMGFGFVEIGSVTPKPQEGNPRPRVFRLPEDQAVINRYGFNSHGLSVVEHRLRARQQKQAKLTEDGLPLGVNLGKNKTS
VDAAEDYAEGVRVLGPLADYLVVNVSSPNTAGLRSLQGKAELRRLLTKVLQERDGLRRVHRPAVLVKIAPDLTSQDKEDI
ASVVKELGIDGLIVTNTTVSRPAGLQGALRSETGGLSGKPLRDLSTQTIREMYALTQGRVPIIGVGGVSSGQDALEKIRA
GASLVQLYTALTFWGPPVVGKVKRELEALLKEQGFGGVTDAIGADHRR
;
_entity_poly.pdbx_strand_id   A
#
# COMPACT_ATOMS: atom_id res chain seq x y z
N ALA A 3 -12.70 -22.59 -4.56
CA ALA A 3 -13.43 -21.32 -4.52
C ALA A 3 -14.70 -21.38 -3.68
N THR A 4 -14.90 -20.34 -2.87
CA THR A 4 -16.09 -20.27 -2.05
C THR A 4 -17.25 -19.71 -2.87
N GLY A 5 -18.45 -19.86 -2.31
CA GLY A 5 -19.64 -19.33 -2.97
C GLY A 5 -19.62 -17.83 -3.02
N ASP A 6 -19.18 -17.19 -1.93
CA ASP A 6 -19.11 -15.74 -1.88
C ASP A 6 -18.20 -15.19 -2.96
N GLU A 7 -17.02 -15.82 -3.18
CA GLU A 7 -16.07 -15.26 -4.14
C GLU A 7 -16.73 -15.13 -5.50
N ARG A 8 -17.37 -16.21 -5.93
CA ARG A 8 -18.02 -16.25 -7.23
C ARG A 8 -19.21 -15.31 -7.25
N PHE A 9 -20.03 -15.33 -6.19
CA PHE A 9 -21.18 -14.43 -6.15
C PHE A 9 -20.74 -12.97 -6.20
N TYR A 10 -19.75 -12.59 -5.39
CA TYR A 10 -19.29 -11.21 -5.41
C TYR A 10 -18.70 -10.84 -6.77
N ALA A 11 -17.87 -11.72 -7.33
CA ALA A 11 -17.14 -11.37 -8.55
C ALA A 11 -18.07 -11.32 -9.76
N GLU A 12 -19.06 -12.24 -9.81
CA GLU A 12 -19.90 -12.37 -10.99
C GLU A 12 -21.21 -11.59 -10.88
N HIS A 13 -21.70 -11.33 -9.67
CA HIS A 13 -23.03 -10.74 -9.50
C HIS A 13 -23.01 -9.44 -8.72
N LEU A 14 -22.50 -9.46 -7.49
CA LEU A 14 -22.60 -8.27 -6.64
C LEU A 14 -21.75 -7.11 -7.20
N MET A 15 -20.46 -7.33 -7.43
CA MET A 15 -19.62 -6.20 -7.85
C MET A 15 -20.02 -5.63 -9.22
N PRO A 16 -20.26 -6.44 -10.26
CA PRO A 16 -20.76 -5.85 -11.51
C PRO A 16 -22.02 -5.01 -11.33
N THR A 17 -22.94 -5.43 -10.45
CA THR A 17 -24.17 -4.69 -10.25
C THR A 17 -23.91 -3.37 -9.52
N LEU A 18 -23.02 -3.39 -8.53
CA LEU A 18 -22.66 -2.14 -7.87
C LEU A 18 -22.00 -1.19 -8.85
N GLN A 19 -21.11 -1.71 -9.71
CA GLN A 19 -20.39 -0.85 -10.64
C GLN A 19 -21.33 -0.26 -11.69
N GLY A 20 -22.38 -0.98 -12.05
CA GLY A 20 -23.41 -0.47 -12.95
C GLY A 20 -24.29 0.60 -12.32
N LEU A 21 -24.37 0.65 -10.99
CA LEU A 21 -25.24 1.60 -10.30
C LEU A 21 -24.52 2.85 -9.80
N LEU A 22 -23.23 2.74 -9.44
CA LEU A 22 -22.52 3.81 -8.77
C LEU A 22 -21.28 4.18 -9.56
N ASP A 23 -21.03 5.48 -9.64
CA ASP A 23 -19.78 5.94 -10.18
C ASP A 23 -18.62 5.50 -9.26
N PRO A 24 -17.39 5.52 -9.76
CA PRO A 24 -16.26 4.94 -8.98
C PRO A 24 -16.02 5.60 -7.64
N GLU A 25 -16.12 6.92 -7.55
CA GLU A 25 -15.85 7.56 -6.27
C GLU A 25 -16.99 7.31 -5.27
N SER A 26 -18.24 7.30 -5.74
CA SER A 26 -19.35 6.94 -4.84
C SER A 26 -19.19 5.51 -4.32
N ALA A 27 -18.83 4.57 -5.21
CA ALA A 27 -18.58 3.20 -4.79
C ALA A 27 -17.48 3.18 -3.72
N HIS A 28 -16.41 3.95 -3.91
CA HIS A 28 -15.33 4.00 -2.93
C HIS A 28 -15.84 4.52 -1.59
N ARG A 29 -16.63 5.59 -1.63
CA ARG A 29 -17.09 6.15 -0.35
C ARG A 29 -18.02 5.18 0.36
N LEU A 30 -18.90 4.51 -0.38
CA LEU A 30 -19.79 3.55 0.24
CA LEU A 30 -19.79 3.52 0.20
C LEU A 30 -19.01 2.37 0.80
N ALA A 31 -17.98 1.92 0.08
CA ALA A 31 -17.11 0.84 0.57
C ALA A 31 -16.46 1.19 1.90
N VAL A 32 -15.88 2.39 1.99
CA VAL A 32 -15.28 2.85 3.24
C VAL A 32 -16.34 2.83 4.35
N ARG A 33 -17.53 3.31 4.05
CA ARG A 33 -18.59 3.35 5.07
C ARG A 33 -18.99 1.94 5.53
N PHE A 34 -19.25 1.01 4.59
CA PHE A 34 -19.65 -0.35 5.00
C PHE A 34 -18.53 -1.05 5.77
N THR A 35 -17.31 -0.84 5.34
CA THR A 35 -16.18 -1.49 6.00
C THR A 35 -16.04 -0.97 7.42
N SER A 36 -16.15 0.35 7.57
CA SER A 36 -15.95 0.97 8.89
C SER A 36 -16.97 0.46 9.87
N LEU A 37 -18.15 0.06 9.39
CA LEU A 37 -19.21 -0.46 10.26
C LEU A 37 -19.13 -1.98 10.39
N GLY A 38 -18.16 -2.63 9.75
CA GLY A 38 -18.09 -4.08 9.84
C GLY A 38 -19.15 -4.84 9.08
N LEU A 39 -19.83 -4.23 8.10
CA LEU A 39 -20.83 -4.93 7.28
C LEU A 39 -20.15 -5.65 6.11
N LEU A 40 -19.66 -6.87 6.38
CA LEU A 40 -18.75 -7.54 5.49
C LEU A 40 -19.05 -9.03 5.50
N PRO A 41 -18.89 -9.71 4.36
CA PRO A 41 -19.10 -11.16 4.32
C PRO A 41 -18.19 -11.89 5.30
N ARG A 42 -18.67 -13.05 5.76
CA ARG A 42 -18.01 -13.90 6.75
C ARG A 42 -16.58 -14.25 6.36
N ALA A 43 -15.59 -13.72 7.08
CA ALA A 43 -14.17 -13.92 6.74
C ALA A 43 -13.81 -15.38 7.00
N ARG A 44 -14.20 -16.23 6.05
CA ARG A 44 -14.06 -17.68 6.15
C ARG A 44 -12.71 -18.12 5.60
N PHE A 45 -11.66 -17.74 6.32
CA PHE A 45 -10.33 -18.32 6.11
C PHE A 45 -9.52 -18.17 7.40
N GLN A 46 -9.04 -19.30 7.94
CA GLN A 46 -8.20 -19.31 9.13
C GLN A 46 -6.73 -19.26 8.73
N ASP A 47 -6.00 -18.25 9.21
CA ASP A 47 -4.62 -18.05 8.79
C ASP A 47 -3.73 -19.17 9.33
N SER A 48 -3.15 -19.95 8.41
CA SER A 48 -2.13 -20.92 8.77
C SER A 48 -0.86 -20.23 9.29
N ASP A 49 -0.13 -20.93 10.14
CA ASP A 49 1.20 -20.47 10.56
C ASP A 49 2.17 -20.30 9.41
N MET A 50 2.01 -21.07 8.33
CA MET A 50 2.84 -20.85 7.15
C MET A 50 2.77 -19.41 6.62
N LEU A 51 1.69 -18.68 6.94
CA LEU A 51 1.60 -17.33 6.36
C LEU A 51 2.27 -16.28 7.24
N GLU A 52 2.71 -16.64 8.44
CA GLU A 52 3.25 -15.64 9.34
C GLU A 52 4.60 -15.16 8.85
N VAL A 53 4.85 -13.87 9.00
CA VAL A 53 6.11 -13.26 8.61
C VAL A 53 6.57 -12.35 9.74
N ARG A 54 7.85 -12.40 10.07
CA ARG A 54 8.47 -11.49 11.01
C ARG A 54 9.38 -10.54 10.24
N VAL A 55 9.05 -9.26 10.25
CA VAL A 55 9.81 -8.24 9.53
C VAL A 55 9.51 -6.89 10.20
N LEU A 56 10.38 -5.88 9.94
CA LEU A 56 10.14 -4.48 10.31
C LEU A 56 9.91 -4.33 11.81
N GLY A 57 10.47 -5.25 12.60
CA GLY A 57 10.29 -5.20 14.04
C GLY A 57 8.93 -5.68 14.53
N HIS A 58 8.22 -6.48 13.71
CA HIS A 58 6.88 -6.92 14.04
CA HIS A 58 6.86 -6.91 14.01
C HIS A 58 6.59 -8.29 13.43
N LYS A 59 5.65 -8.98 14.05
CA LYS A 59 5.06 -10.16 13.49
C LYS A 59 3.83 -9.76 12.67
N PHE A 60 3.68 -10.37 11.49
CA PHE A 60 2.52 -10.17 10.63
C PHE A 60 1.84 -11.53 10.51
N ARG A 61 0.60 -11.64 11.00
CA ARG A 61 -0.12 -12.92 10.97
C ARG A 61 -0.25 -13.48 9.55
N ASN A 62 -0.44 -12.63 8.56
CA ASN A 62 -0.38 -13.07 7.17
C ASN A 62 0.22 -11.89 6.40
N PRO A 63 0.72 -12.12 5.18
CA PRO A 63 1.52 -11.07 4.52
C PRO A 63 0.72 -10.21 3.54
N VAL A 64 -0.61 -10.19 3.63
CA VAL A 64 -1.45 -9.49 2.63
C VAL A 64 -2.09 -8.28 3.31
N GLY A 65 -1.68 -7.07 2.88
CA GLY A 65 -2.10 -5.81 3.49
C GLY A 65 -3.02 -5.05 2.53
N ILE A 66 -3.77 -4.11 3.04
CA ILE A 66 -4.49 -3.18 2.17
C ILE A 66 -3.55 -2.01 1.84
N ALA A 67 -3.44 -1.69 0.56
CA ALA A 67 -2.53 -0.62 0.14
C ALA A 67 -3.09 0.74 0.56
N ALA A 68 -2.20 1.74 0.63
CA ALA A 68 -2.64 3.11 0.85
C ALA A 68 -3.63 3.56 -0.22
N GLY A 69 -4.53 4.47 0.19
CA GLY A 69 -5.46 5.10 -0.73
C GLY A 69 -6.89 4.63 -0.55
N PHE A 70 -7.11 3.46 0.03
CA PHE A 70 -8.49 3.04 0.26
C PHE A 70 -9.05 3.75 1.49
N ASP A 71 -8.34 3.62 2.60
CA ASP A 71 -8.68 4.31 3.86
C ASP A 71 -7.74 5.50 4.04
N LYS A 72 -8.04 6.59 3.34
CA LYS A 72 -7.13 7.75 3.34
C LYS A 72 -7.13 8.43 4.69
N HIS A 73 -8.24 8.37 5.45
CA HIS A 73 -8.34 9.21 6.65
C HIS A 73 -8.42 8.39 7.93
N GLY A 74 -8.06 7.10 7.88
CA GLY A 74 -8.10 6.24 9.06
C GLY A 74 -9.48 5.92 9.63
N GLU A 75 -10.48 5.76 8.79
CA GLU A 75 -11.85 5.57 9.23
C GLU A 75 -12.29 4.10 9.32
N ALA A 76 -11.59 3.19 8.65
CA ALA A 76 -12.13 1.85 8.47
C ALA A 76 -11.15 0.81 8.94
N VAL A 77 -10.23 1.20 9.85
CA VAL A 77 -9.10 0.36 10.19
C VAL A 77 -9.57 -0.99 10.71
N ASP A 78 -10.50 -1.00 11.67
CA ASP A 78 -10.89 -2.28 12.30
C ASP A 78 -11.69 -3.16 11.34
N GLY A 79 -12.52 -2.57 10.50
CA GLY A 79 -13.21 -3.38 9.47
C GLY A 79 -12.26 -3.95 8.44
N LEU A 80 -11.12 -3.29 8.20
CA LEU A 80 -10.12 -3.87 7.27
C LEU A 80 -9.41 -5.07 7.90
N TYR A 81 -9.12 -5.01 9.20
CA TYR A 81 -8.68 -6.26 9.88
C TYR A 81 -9.76 -7.33 9.82
N LYS A 82 -11.02 -6.96 10.03
CA LYS A 82 -12.07 -7.97 9.93
C LYS A 82 -12.13 -8.61 8.53
N MET A 83 -11.80 -7.85 7.49
CA MET A 83 -11.79 -8.39 6.14
C MET A 83 -10.70 -9.42 5.93
N GLY A 84 -9.71 -9.49 6.83
CA GLY A 84 -8.70 -10.54 6.80
C GLY A 84 -7.31 -10.04 6.44
N PHE A 85 -7.13 -8.74 6.23
CA PHE A 85 -5.78 -8.23 5.95
C PHE A 85 -4.87 -8.46 7.13
N GLY A 86 -3.63 -8.83 6.85
CA GLY A 86 -2.65 -9.05 7.90
C GLY A 86 -2.06 -7.74 8.43
N PHE A 87 -2.24 -6.64 7.69
CA PHE A 87 -1.78 -5.33 8.15
C PHE A 87 -2.49 -4.30 7.31
N VAL A 88 -2.62 -3.12 7.86
CA VAL A 88 -3.39 -2.06 7.25
C VAL A 88 -2.50 -0.86 7.09
N GLU A 89 -2.58 -0.18 5.95
CA GLU A 89 -1.92 1.11 5.75
C GLU A 89 -2.98 2.17 5.44
N ILE A 90 -2.99 3.27 6.22
CA ILE A 90 -3.88 4.38 5.94
C ILE A 90 -3.10 5.53 5.30
N GLY A 91 -3.83 6.46 4.69
CA GLY A 91 -3.19 7.56 4.02
C GLY A 91 -3.40 7.45 2.52
N SER A 92 -2.73 8.35 1.79
CA SER A 92 -1.82 9.36 2.36
C SER A 92 -2.54 10.49 3.12
N VAL A 93 -1.90 10.95 4.19
CA VAL A 93 -2.37 12.04 5.03
C VAL A 93 -1.45 13.22 4.81
N THR A 94 -2.03 14.39 4.59
CA THR A 94 -1.27 15.62 4.40
C THR A 94 -1.30 16.44 5.68
N PRO A 95 -0.37 17.37 5.89
CA PRO A 95 -0.38 18.12 7.17
C PRO A 95 -1.66 18.92 7.38
N LYS A 96 -2.04 19.74 6.42
CA LYS A 96 -3.31 20.42 6.59
C LYS A 96 -4.37 19.73 5.75
N PRO A 97 -5.64 19.86 6.13
CA PRO A 97 -6.70 19.35 5.25
C PRO A 97 -6.62 19.97 3.87
N GLN A 98 -7.01 19.19 2.87
CA GLN A 98 -7.10 19.76 1.53
C GLN A 98 -8.00 18.88 0.66
N GLU A 99 -8.59 19.50 -0.35
CA GLU A 99 -9.73 18.92 -1.07
C GLU A 99 -9.31 17.90 -2.13
N GLY A 100 -8.15 18.08 -2.72
CA GLY A 100 -7.82 17.22 -3.85
C GLY A 100 -8.31 17.80 -5.16
N ASN A 101 -8.18 17.02 -6.25
CA ASN A 101 -8.53 17.56 -7.56
C ASN A 101 -10.04 17.64 -7.75
N PRO A 102 -10.51 18.49 -8.69
CA PRO A 102 -11.92 18.46 -9.08
C PRO A 102 -12.32 17.09 -9.62
N ARG A 103 -13.62 16.74 -9.46
CA ARG A 103 -14.25 15.57 -10.02
C ARG A 103 -14.61 15.79 -11.50
N PRO A 104 -14.68 14.74 -12.31
CA PRO A 104 -14.40 13.33 -11.97
C PRO A 104 -12.88 13.06 -11.82
N ARG A 105 -12.50 12.16 -10.90
CA ARG A 105 -11.07 11.99 -10.65
C ARG A 105 -10.72 10.52 -10.42
N VAL A 106 -11.65 9.59 -10.69
CA VAL A 106 -11.37 8.16 -10.60
C VAL A 106 -12.11 7.48 -11.74
N PHE A 107 -11.47 6.55 -12.41
CA PHE A 107 -12.01 5.97 -13.62
C PHE A 107 -11.77 4.47 -13.60
N ARG A 108 -12.80 3.69 -13.99
CA ARG A 108 -12.66 2.23 -14.11
C ARG A 108 -12.28 1.87 -15.54
N LEU A 109 -11.39 0.88 -15.68
CA LEU A 109 -11.06 0.29 -16.97
C LEU A 109 -11.33 -1.20 -16.83
N PRO A 110 -12.61 -1.60 -16.89
CA PRO A 110 -12.93 -3.00 -16.52
C PRO A 110 -12.33 -4.04 -17.47
N GLU A 111 -12.21 -3.74 -18.76
CA GLU A 111 -11.60 -4.66 -19.70
C GLU A 111 -10.12 -4.90 -19.39
N ASP A 112 -9.52 -4.04 -18.60
CA ASP A 112 -8.10 -4.18 -18.26
C ASP A 112 -7.93 -4.63 -16.83
N GLN A 113 -9.03 -4.77 -16.09
CA GLN A 113 -8.95 -4.90 -14.64
C GLN A 113 -8.05 -3.83 -14.02
N ALA A 114 -8.31 -2.59 -14.38
CA ALA A 114 -7.45 -1.49 -13.98
C ALA A 114 -8.32 -0.33 -13.53
N VAL A 115 -7.66 0.62 -12.84
CA VAL A 115 -8.27 1.88 -12.42
C VAL A 115 -7.27 3.01 -12.75
N ILE A 116 -7.79 4.18 -13.09
CA ILE A 116 -6.97 5.40 -13.16
C ILE A 116 -7.49 6.35 -12.12
N ASN A 117 -6.59 6.93 -11.31
CA ASN A 117 -7.08 7.94 -10.36
C ASN A 117 -6.19 9.17 -10.39
N ARG A 118 -6.82 10.33 -10.16
CA ARG A 118 -6.07 11.55 -9.94
C ARG A 118 -6.69 12.29 -8.77
N TYR A 119 -6.82 11.60 -7.64
CA TYR A 119 -7.39 12.21 -6.46
C TYR A 119 -6.65 13.47 -6.05
N GLY A 120 -5.30 13.42 -6.10
CA GLY A 120 -4.56 14.58 -5.69
C GLY A 120 -4.46 14.76 -4.16
N PHE A 121 -4.34 13.66 -3.40
CA PHE A 121 -4.08 13.78 -1.93
C PHE A 121 -5.22 14.55 -1.25
N ASN A 122 -6.46 14.20 -1.56
CA ASN A 122 -7.60 14.65 -0.75
C ASN A 122 -7.41 14.08 0.67
N SER A 123 -7.39 14.94 1.68
CA SER A 123 -6.99 14.46 3.00
C SER A 123 -7.71 15.28 4.08
N HIS A 124 -8.21 14.59 5.09
CA HIS A 124 -8.72 15.28 6.26
C HIS A 124 -7.63 15.99 7.07
N GLY A 125 -6.34 15.74 6.82
CA GLY A 125 -5.32 16.41 7.58
C GLY A 125 -4.83 15.62 8.80
N LEU A 126 -3.65 16.00 9.26
CA LEU A 126 -2.97 15.23 10.32
C LEU A 126 -3.76 15.29 11.63
N SER A 127 -4.28 16.46 11.98
CA SER A 127 -4.98 16.65 13.24
CA SER A 127 -4.98 16.64 13.26
C SER A 127 -6.17 15.71 13.36
N VAL A 128 -7.01 15.66 12.32
CA VAL A 128 -8.19 14.80 12.35
C VAL A 128 -7.78 13.33 12.45
N VAL A 129 -6.85 12.88 11.62
CA VAL A 129 -6.43 11.49 11.68
C VAL A 129 -5.77 11.16 13.02
N GLU A 130 -4.94 12.07 13.54
CA GLU A 130 -4.35 11.92 14.88
C GLU A 130 -5.41 11.58 15.93
N HIS A 131 -6.49 12.39 15.99
CA HIS A 131 -7.56 12.14 16.96
C HIS A 131 -8.26 10.80 16.68
N ARG A 132 -8.46 10.45 15.41
CA ARG A 132 -9.08 9.16 15.11
C ARG A 132 -8.23 8.01 15.61
N LEU A 133 -6.90 8.05 15.37
CA LEU A 133 -6.04 6.96 15.81
C LEU A 133 -5.89 6.95 17.32
N ARG A 134 -5.83 8.13 17.95
CA ARG A 134 -5.70 8.15 19.39
C ARG A 134 -6.89 7.46 20.07
N ALA A 135 -8.06 7.58 19.46
CA ALA A 135 -9.28 7.04 20.07
C ALA A 135 -9.32 5.51 20.12
N ARG A 136 -8.46 4.84 19.39
CA ARG A 136 -8.39 3.39 19.35
C ARG A 136 -6.96 2.90 19.55
N GLN A 137 -6.11 3.72 20.19
CA GLN A 137 -4.67 3.50 20.18
C GLN A 137 -4.30 2.23 20.96
N GLN A 138 -4.99 1.97 22.07
CA GLN A 138 -4.71 0.78 22.89
C GLN A 138 -5.23 -0.48 22.20
N LYS A 139 -6.41 -0.39 21.60
CA LYS A 139 -6.89 -1.48 20.76
C LYS A 139 -5.86 -1.80 19.67
N GLN A 140 -5.26 -0.79 19.04
CA GLN A 140 -4.25 -1.05 18.03
C GLN A 140 -2.99 -1.67 18.66
N ALA A 141 -2.59 -1.20 19.85
CA ALA A 141 -1.47 -1.86 20.56
C ALA A 141 -1.66 -3.37 20.65
N LYS A 142 -2.87 -3.82 21.06
CA LYS A 142 -3.22 -5.25 21.15
C LYS A 142 -3.20 -5.94 19.78
N LEU A 143 -3.80 -5.32 18.79
CA LEU A 143 -3.77 -5.88 17.42
C LEU A 143 -2.33 -6.09 16.95
N THR A 144 -1.48 -5.09 17.14
CA THR A 144 -0.10 -5.19 16.72
C THR A 144 0.60 -6.34 17.44
N GLU A 145 0.43 -6.41 18.76
CA GLU A 145 0.95 -7.52 19.55
C GLU A 145 0.48 -8.87 19.02
N ASP A 146 -0.75 -8.94 18.56
CA ASP A 146 -1.32 -10.15 18.00
C ASP A 146 -0.94 -10.37 16.51
N GLY A 147 0.00 -9.59 15.96
CA GLY A 147 0.42 -9.76 14.59
C GLY A 147 -0.37 -9.01 13.54
N LEU A 148 -1.03 -7.90 13.89
CA LEU A 148 -1.85 -7.12 12.94
C LEU A 148 -1.40 -5.65 12.99
N PRO A 149 -0.24 -5.33 12.42
CA PRO A 149 0.31 -3.98 12.56
C PRO A 149 -0.40 -2.94 11.66
N LEU A 150 -0.07 -1.68 11.95
CA LEU A 150 -0.68 -0.50 11.33
C LEU A 150 0.40 0.40 10.73
N GLY A 151 0.21 0.83 9.49
CA GLY A 151 1.15 1.71 8.83
C GLY A 151 0.41 3.01 8.49
N VAL A 152 1.16 4.11 8.48
CA VAL A 152 0.61 5.41 8.14
C VAL A 152 1.43 5.99 6.98
N ASN A 153 0.77 6.37 5.91
CA ASN A 153 1.44 6.85 4.71
C ASN A 153 1.28 8.38 4.68
N LEU A 154 2.39 9.11 4.62
CA LEU A 154 2.43 10.55 4.77
C LEU A 154 2.56 11.26 3.41
N GLY A 155 1.74 12.28 3.17
CA GLY A 155 1.95 13.07 1.95
C GLY A 155 2.29 14.50 2.27
N LYS A 156 2.22 15.36 1.27
CA LYS A 156 2.52 16.76 1.45
C LYS A 156 1.40 17.57 0.81
N ASN A 157 1.14 18.74 1.39
CA ASN A 157 0.15 19.63 0.83
C ASN A 157 0.58 20.21 -0.52
N LYS A 158 -0.43 20.54 -1.32
CA LYS A 158 -0.15 21.06 -2.65
C LYS A 158 0.58 22.40 -2.59
N THR A 159 0.29 23.23 -1.60
CA THR A 159 0.93 24.56 -1.48
C THR A 159 2.24 24.55 -0.70
N SER A 160 2.66 23.41 -0.17
CA SER A 160 3.87 23.36 0.65
C SER A 160 5.08 23.94 -0.09
N VAL A 161 5.89 24.74 0.62
CA VAL A 161 7.12 25.26 0.02
C VAL A 161 8.27 24.25 0.15
N ASP A 162 8.34 23.52 1.27
CA ASP A 162 9.41 22.54 1.46
C ASP A 162 8.82 21.22 1.89
N ALA A 163 8.96 20.22 1.03
CA ALA A 163 8.39 18.91 1.31
C ALA A 163 8.89 18.36 2.64
N ALA A 164 10.15 18.62 2.99
CA ALA A 164 10.73 17.98 4.17
C ALA A 164 10.01 18.42 5.44
N GLU A 165 9.60 19.69 5.53
CA GLU A 165 8.85 20.10 6.72
C GLU A 165 7.47 19.44 6.76
N ASP A 166 6.82 19.26 5.59
CA ASP A 166 5.55 18.53 5.58
C ASP A 166 5.73 17.12 6.13
N TYR A 167 6.72 16.38 5.59
CA TYR A 167 6.91 15.00 6.08
C TYR A 167 7.32 14.99 7.55
N ALA A 168 8.22 15.91 7.93
CA ALA A 168 8.61 15.96 9.35
C ALA A 168 7.41 16.16 10.27
N GLU A 169 6.47 17.02 9.87
CA GLU A 169 5.30 17.22 10.71
C GLU A 169 4.48 15.92 10.81
N GLY A 170 4.35 15.18 9.70
CA GLY A 170 3.70 13.88 9.76
C GLY A 170 4.41 12.90 10.69
N VAL A 171 5.74 12.94 10.70
CA VAL A 171 6.48 12.05 11.60
C VAL A 171 6.18 12.43 13.05
N ARG A 172 6.22 13.72 13.36
CA ARG A 172 5.98 14.17 14.75
C ARG A 172 4.60 13.79 15.23
N VAL A 173 3.60 13.90 14.35
CA VAL A 173 2.21 13.81 14.78
C VAL A 173 1.69 12.38 14.72
N LEU A 174 1.92 11.67 13.61
CA LEU A 174 1.38 10.32 13.47
C LEU A 174 2.42 9.24 13.69
N GLY A 175 3.71 9.58 13.66
CA GLY A 175 4.74 8.60 13.98
C GLY A 175 4.49 7.83 15.27
N PRO A 176 4.12 8.51 16.35
CA PRO A 176 3.87 7.78 17.62
C PRO A 176 2.67 6.87 17.60
N LEU A 177 1.84 6.95 16.56
CA LEU A 177 0.61 6.15 16.50
C LEU A 177 0.74 5.04 15.47
N ALA A 178 1.90 4.87 14.84
CA ALA A 178 2.05 3.91 13.74
C ALA A 178 3.13 2.90 14.07
N ASP A 179 2.95 1.68 13.53
CA ASP A 179 4.07 0.73 13.51
C ASP A 179 5.07 1.04 12.41
N TYR A 180 4.59 1.55 11.28
CA TYR A 180 5.55 2.03 10.29
C TYR A 180 4.96 3.25 9.61
N LEU A 181 5.84 4.12 9.16
CA LEU A 181 5.50 5.32 8.38
C LEU A 181 5.97 5.10 6.96
N VAL A 182 5.28 5.73 5.99
CA VAL A 182 5.69 5.66 4.57
C VAL A 182 5.84 7.07 4.06
N VAL A 183 7.02 7.36 3.55
CA VAL A 183 7.33 8.59 2.86
C VAL A 183 6.96 8.35 1.43
N ASN A 184 5.84 8.94 1.04
CA ASN A 184 5.28 8.79 -0.29
C ASN A 184 5.88 9.88 -1.14
N VAL A 185 6.94 9.53 -1.85
CA VAL A 185 7.47 10.45 -2.82
C VAL A 185 7.12 10.05 -4.27
N SER A 186 6.04 9.28 -4.47
CA SER A 186 5.78 8.73 -5.81
C SER A 186 4.36 8.96 -6.32
N SER A 187 3.54 9.76 -5.64
CA SER A 187 2.25 10.10 -6.23
C SER A 187 2.41 10.78 -7.59
N PRO A 188 1.75 10.28 -8.62
CA PRO A 188 1.76 10.99 -9.92
C PRO A 188 0.86 12.23 -9.97
N ASN A 189 0.14 12.54 -8.88
CA ASN A 189 -0.95 13.51 -8.91
C ASN A 189 -0.67 14.78 -8.11
N THR A 190 0.58 14.99 -7.67
CA THR A 190 1.00 16.23 -7.02
CA THR A 190 0.97 16.24 -7.05
C THR A 190 2.23 16.74 -7.75
N ALA A 191 2.10 17.90 -8.42
CA ALA A 191 3.19 18.48 -9.22
C ALA A 191 4.50 18.52 -8.43
N GLY A 192 5.59 18.16 -9.12
CA GLY A 192 6.90 18.14 -8.51
C GLY A 192 7.15 17.11 -7.43
N LEU A 193 6.14 16.29 -7.04
CA LEU A 193 6.38 15.39 -5.92
C LEU A 193 7.44 14.32 -6.24
N ARG A 194 7.34 13.71 -7.42
CA ARG A 194 8.18 12.56 -7.74
C ARG A 194 9.65 12.93 -7.93
N SER A 195 9.95 14.19 -8.30
CA SER A 195 11.34 14.64 -8.32
C SER A 195 12.00 14.60 -6.93
N LEU A 196 11.24 14.43 -5.85
CA LEU A 196 11.83 14.10 -4.56
C LEU A 196 12.51 12.74 -4.57
N GLN A 197 12.34 11.97 -5.65
CA GLN A 197 12.98 10.67 -5.77
C GLN A 197 14.43 10.76 -6.22
N GLY A 198 14.86 11.90 -6.81
CA GLY A 198 16.25 12.09 -7.16
C GLY A 198 17.18 12.15 -5.95
N LYS A 199 18.47 11.89 -6.20
CA LYS A 199 19.41 11.53 -5.14
C LYS A 199 19.64 12.65 -4.12
N ALA A 200 19.91 13.86 -4.58
CA ALA A 200 20.31 14.94 -3.65
C ALA A 200 19.12 15.39 -2.79
N GLU A 201 17.95 15.56 -3.40
CA GLU A 201 16.77 15.94 -2.66
C GLU A 201 16.32 14.81 -1.74
N LEU A 202 16.43 13.56 -2.21
CA LEU A 202 15.99 12.43 -1.39
C LEU A 202 16.86 12.28 -0.15
N ARG A 203 18.18 12.44 -0.29
CA ARG A 203 19.04 12.22 0.87
C ARG A 203 18.74 13.25 1.95
N ARG A 204 18.57 14.53 1.55
CA ARG A 204 18.24 15.58 2.51
C ARG A 204 16.86 15.35 3.13
N LEU A 205 15.86 15.03 2.30
CA LEU A 205 14.55 14.76 2.80
C LEU A 205 14.55 13.60 3.80
N LEU A 206 15.19 12.46 3.44
CA LEU A 206 15.11 11.28 4.30
C LEU A 206 16.00 11.43 5.54
N THR A 207 17.10 12.19 5.44
CA THR A 207 17.87 12.54 6.64
C THR A 207 16.99 13.26 7.66
N LYS A 208 16.27 14.30 7.22
CA LYS A 208 15.35 15.00 8.11
C LYS A 208 14.28 14.07 8.69
N VAL A 209 13.67 13.25 7.85
CA VAL A 209 12.62 12.34 8.35
C VAL A 209 13.20 11.38 9.40
N LEU A 210 14.40 10.84 9.16
CA LEU A 210 14.96 9.90 10.13
C LEU A 210 15.35 10.59 11.40
N GLN A 211 15.84 11.83 11.32
CA GLN A 211 16.20 12.55 12.53
C GLN A 211 14.95 12.77 13.39
N GLU A 212 13.86 13.19 12.75
CA GLU A 212 12.61 13.40 13.48
C GLU A 212 12.10 12.09 14.09
N ARG A 213 12.13 11.02 13.31
CA ARG A 213 11.71 9.69 13.82
C ARG A 213 12.57 9.29 15.03
N ASP A 214 13.89 9.47 14.94
CA ASP A 214 14.77 9.11 16.04
C ASP A 214 14.53 9.95 17.29
N GLY A 215 13.91 11.12 17.14
CA GLY A 215 13.60 11.91 18.34
C GLY A 215 12.32 11.49 19.07
N LEU A 216 11.59 10.50 18.57
CA LEU A 216 10.41 10.00 19.27
C LEU A 216 10.85 9.00 20.34
N ARG A 217 10.09 8.96 21.42
CA ARG A 217 10.35 7.98 22.47
C ARG A 217 10.34 6.55 21.94
N ARG A 218 11.19 5.70 22.54
CA ARG A 218 11.54 4.41 21.97
C ARG A 218 10.30 3.59 21.70
N VAL A 219 9.41 3.54 22.69
CA VAL A 219 8.14 2.80 22.58
C VAL A 219 7.26 3.32 21.44
N HIS A 220 7.41 4.57 21.01
CA HIS A 220 6.55 5.13 19.98
C HIS A 220 7.29 5.42 18.70
N ARG A 221 8.34 4.67 18.44
CA ARG A 221 9.25 4.96 17.33
C ARG A 221 8.98 4.00 16.16
N PRO A 222 8.41 4.48 15.06
CA PRO A 222 8.06 3.61 13.94
C PRO A 222 9.25 3.30 13.02
N ALA A 223 9.11 2.18 12.31
CA ALA A 223 9.93 1.96 11.12
C ALA A 223 9.60 3.01 10.05
N VAL A 224 10.59 3.38 9.22
CA VAL A 224 10.35 4.34 8.11
C VAL A 224 10.62 3.66 6.77
N LEU A 225 9.63 3.71 5.86
CA LEU A 225 9.78 3.13 4.52
C LEU A 225 9.55 4.23 3.50
N VAL A 226 10.09 4.01 2.31
CA VAL A 226 9.93 4.96 1.20
C VAL A 226 9.14 4.22 0.12
N LYS A 227 8.10 4.86 -0.43
CA LYS A 227 7.28 4.28 -1.47
C LYS A 227 7.67 4.91 -2.80
N ILE A 228 7.98 4.07 -3.78
CA ILE A 228 8.55 4.58 -5.00
C ILE A 228 7.62 4.28 -6.16
N ALA A 229 7.84 5.01 -7.21
CA ALA A 229 7.07 4.82 -8.41
C ALA A 229 7.63 3.66 -9.25
N PRO A 230 6.81 3.09 -10.12
CA PRO A 230 7.28 2.17 -11.12
C PRO A 230 7.88 2.84 -12.36
N ASP A 231 7.90 4.17 -12.44
CA ASP A 231 8.31 4.89 -13.66
C ASP A 231 9.74 5.45 -13.58
N LEU A 232 10.60 4.87 -12.79
CA LEU A 232 11.96 5.37 -12.53
C LEU A 232 12.94 4.90 -13.57
N THR A 233 13.95 5.74 -13.86
CA THR A 233 15.05 5.25 -14.68
C THR A 233 15.91 4.29 -13.86
N SER A 234 16.81 3.56 -14.57
CA SER A 234 17.81 2.76 -13.86
C SER A 234 18.64 3.64 -12.94
N GLN A 235 19.00 4.86 -13.40
CA GLN A 235 19.82 5.73 -12.57
C GLN A 235 19.09 6.10 -11.27
N ASP A 236 17.79 6.41 -11.38
CA ASP A 236 16.95 6.70 -10.20
C ASP A 236 16.94 5.55 -9.23
N LYS A 237 16.75 4.32 -9.74
CA LYS A 237 16.69 3.17 -8.85
C LYS A 237 18.01 2.94 -8.12
N GLU A 238 19.12 3.05 -8.86
CA GLU A 238 20.45 2.92 -8.27
C GLU A 238 20.61 3.93 -7.16
N ASP A 239 20.22 5.18 -7.45
CA ASP A 239 20.40 6.27 -6.48
C ASP A 239 19.54 6.05 -5.25
N ILE A 240 18.29 5.59 -5.43
CA ILE A 240 17.43 5.35 -4.29
C ILE A 240 17.99 4.24 -3.43
N ALA A 241 18.46 3.16 -4.07
CA ALA A 241 19.04 2.07 -3.30
C ALA A 241 20.26 2.52 -2.52
N SER A 242 21.08 3.39 -3.14
CA SER A 242 22.27 3.90 -2.46
C SER A 242 21.89 4.71 -1.22
N VAL A 243 20.88 5.58 -1.34
CA VAL A 243 20.52 6.45 -0.22
C VAL A 243 19.86 5.63 0.88
N VAL A 244 18.98 4.70 0.49
CA VAL A 244 18.37 3.81 1.46
C VAL A 244 19.42 3.09 2.31
N LYS A 245 20.48 2.60 1.68
CA LYS A 245 21.48 1.88 2.47
C LYS A 245 22.35 2.82 3.27
N GLU A 246 22.71 3.97 2.69
CA GLU A 246 23.57 4.92 3.39
C GLU A 246 22.90 5.42 4.67
N LEU A 247 21.57 5.62 4.64
CA LEU A 247 20.85 6.23 5.75
C LEU A 247 20.20 5.23 6.69
N GLY A 248 20.14 3.95 6.33
CA GLY A 248 19.47 3.00 7.19
C GLY A 248 17.96 3.10 7.12
N ILE A 249 17.39 3.42 5.95
CA ILE A 249 15.94 3.36 5.79
C ILE A 249 15.49 1.93 6.05
N ASP A 250 14.35 1.76 6.72
CA ASP A 250 13.90 0.44 7.17
C ASP A 250 13.29 -0.42 6.06
N GLY A 251 12.74 0.14 5.00
CA GLY A 251 12.18 -0.73 3.97
C GLY A 251 11.67 0.11 2.82
N LEU A 252 11.22 -0.59 1.77
CA LEU A 252 10.71 0.08 0.58
C LEU A 252 9.30 -0.44 0.28
N ILE A 253 8.45 0.40 -0.29
CA ILE A 253 7.18 -0.04 -0.84
C ILE A 253 7.24 0.15 -2.36
N VAL A 254 6.98 -0.93 -3.09
CA VAL A 254 7.30 -1.04 -4.52
C VAL A 254 6.09 -1.76 -5.12
N THR A 255 5.16 -1.03 -5.76
CA THR A 255 5.27 0.35 -6.26
C THR A 255 3.94 1.10 -6.12
N ASN A 256 4.02 2.40 -6.32
CA ASN A 256 2.85 3.27 -6.51
C ASN A 256 2.25 2.99 -7.92
N THR A 257 1.23 3.79 -8.31
CA THR A 257 0.65 3.69 -9.67
C THR A 257 1.61 4.23 -10.73
N THR A 258 1.36 3.85 -11.99
CA THR A 258 2.21 4.27 -13.11
C THR A 258 1.54 5.36 -13.93
N VAL A 259 2.37 6.32 -14.35
CA VAL A 259 1.92 7.32 -15.30
C VAL A 259 2.03 6.81 -16.71
N SER A 260 2.55 5.59 -16.88
CA SER A 260 2.64 5.11 -18.25
C SER A 260 1.29 4.54 -18.64
N ARG A 261 1.16 4.20 -19.91
CA ARG A 261 -0.04 3.53 -20.40
C ARG A 261 0.49 2.41 -21.28
N PRO A 262 0.71 1.21 -20.71
CA PRO A 262 1.26 0.09 -21.48
C PRO A 262 0.45 -0.15 -22.74
N ALA A 263 1.14 -0.62 -23.77
CA ALA A 263 0.46 -1.00 -25.00
C ALA A 263 -0.61 -2.03 -24.65
N GLY A 264 -1.75 -1.93 -25.30
CA GLY A 264 -2.75 -2.96 -25.17
C GLY A 264 -3.92 -2.66 -24.28
N LEU A 265 -3.90 -1.52 -23.53
CA LEU A 265 -5.06 -1.16 -22.74
C LEU A 265 -6.26 -1.02 -23.67
N GLN A 266 -7.38 -1.59 -23.22
CA GLN A 266 -8.62 -1.50 -24.02
C GLN A 266 -9.66 -0.56 -23.47
N GLY A 267 -9.60 -0.22 -22.17
CA GLY A 267 -10.64 0.61 -21.58
C GLY A 267 -10.82 1.93 -22.33
N ALA A 268 -12.08 2.33 -22.52
CA ALA A 268 -12.35 3.62 -23.16
C ALA A 268 -11.66 4.79 -22.47
N LEU A 269 -11.42 4.69 -21.15
CA LEU A 269 -10.91 5.82 -20.39
C LEU A 269 -9.38 5.79 -20.22
N ARG A 270 -8.67 5.00 -21.04
CA ARG A 270 -7.22 4.80 -20.87
C ARG A 270 -6.40 6.10 -21.02
N SER A 271 -6.92 7.12 -21.68
CA SER A 271 -6.17 8.36 -21.87
C SER A 271 -6.49 9.42 -20.83
N GLU A 272 -7.27 9.09 -19.81
CA GLU A 272 -7.41 10.01 -18.66
C GLU A 272 -6.07 10.19 -17.95
N THR A 273 -5.87 11.41 -17.46
CA THR A 273 -4.69 11.74 -16.66
C THR A 273 -4.77 11.03 -15.31
N GLY A 274 -3.64 10.48 -14.83
CA GLY A 274 -3.63 9.90 -13.50
C GLY A 274 -2.71 8.70 -13.41
N GLY A 275 -2.73 8.09 -12.23
CA GLY A 275 -1.95 6.89 -11.99
C GLY A 275 -2.81 5.68 -12.32
N LEU A 276 -2.25 4.78 -13.12
CA LEU A 276 -2.89 3.53 -13.46
C LEU A 276 -2.51 2.45 -12.47
N SER A 277 -3.49 1.66 -12.03
CA SER A 277 -3.29 0.62 -11.06
C SER A 277 -3.96 -0.65 -11.59
N GLY A 278 -3.80 -1.77 -10.89
CA GLY A 278 -4.36 -3.04 -11.34
C GLY A 278 -3.46 -3.87 -12.23
N LYS A 279 -4.13 -4.74 -13.01
CA LYS A 279 -3.38 -5.78 -13.72
C LYS A 279 -2.33 -5.24 -14.67
N PRO A 280 -2.55 -4.15 -15.42
CA PRO A 280 -1.48 -3.65 -16.31
C PRO A 280 -0.24 -3.20 -15.57
N LEU A 281 -0.33 -2.97 -14.26
CA LEU A 281 0.82 -2.58 -13.45
C LEU A 281 1.58 -3.80 -12.91
N ARG A 282 0.97 -4.99 -12.98
CA ARG A 282 1.42 -6.09 -12.14
C ARG A 282 2.90 -6.42 -12.39
N ASP A 283 3.26 -6.72 -13.65
CA ASP A 283 4.62 -7.23 -13.89
C ASP A 283 5.64 -6.07 -13.92
N LEU A 284 5.22 -4.87 -14.27
CA LEU A 284 6.09 -3.71 -14.04
C LEU A 284 6.49 -3.57 -12.57
N SER A 285 5.50 -3.71 -11.66
CA SER A 285 5.79 -3.68 -10.22
CA SER A 285 5.80 -3.66 -10.23
CA SER A 285 5.79 -3.67 -10.23
C SER A 285 6.70 -4.82 -9.80
N THR A 286 6.40 -6.04 -10.27
CA THR A 286 7.21 -7.19 -9.88
C THR A 286 8.67 -7.02 -10.32
N GLN A 287 8.89 -6.52 -11.55
CA GLN A 287 10.26 -6.29 -12.01
C GLN A 287 10.95 -5.19 -11.18
N THR A 288 10.22 -4.17 -10.78
CA THR A 288 10.82 -3.16 -9.91
C THR A 288 11.19 -3.75 -8.56
N ILE A 289 10.37 -4.65 -8.03
CA ILE A 289 10.76 -5.36 -6.80
C ILE A 289 12.05 -6.13 -7.02
N ARG A 290 12.10 -6.88 -8.14
CA ARG A 290 13.26 -7.72 -8.41
C ARG A 290 14.53 -6.87 -8.44
N GLU A 291 14.46 -5.71 -9.10
CA GLU A 291 15.62 -4.85 -9.21
C GLU A 291 16.01 -4.23 -7.84
N MET A 292 15.05 -3.69 -7.11
CA MET A 292 15.37 -3.03 -5.82
C MET A 292 15.91 -4.05 -4.80
N TYR A 293 15.41 -5.29 -4.82
CA TYR A 293 15.95 -6.34 -3.96
C TYR A 293 17.41 -6.61 -4.28
N ALA A 294 17.75 -6.77 -5.58
CA ALA A 294 19.14 -7.05 -5.96
C ALA A 294 20.04 -5.85 -5.60
N LEU A 295 19.56 -4.63 -5.86
CA LEU A 295 20.33 -3.42 -5.57
C LEU A 295 20.56 -3.22 -4.07
N THR A 296 19.67 -3.74 -3.23
CA THR A 296 19.88 -3.66 -1.80
C THR A 296 20.44 -4.93 -1.19
N GLN A 297 20.88 -5.89 -2.03
CA GLN A 297 21.50 -7.13 -1.56
C GLN A 297 20.55 -7.97 -0.72
N GLY A 298 19.26 -7.85 -0.94
CA GLY A 298 18.29 -8.56 -0.12
C GLY A 298 18.28 -8.11 1.33
N ARG A 299 18.94 -6.99 1.67
CA ARG A 299 19.06 -6.58 3.08
C ARG A 299 17.95 -5.61 3.53
N VAL A 300 17.10 -5.14 2.63
CA VAL A 300 16.12 -4.08 2.91
C VAL A 300 14.73 -4.67 2.65
N PRO A 301 13.87 -4.79 3.66
CA PRO A 301 12.53 -5.37 3.45
C PRO A 301 11.73 -4.57 2.42
N ILE A 302 11.01 -5.29 1.55
CA ILE A 302 10.22 -4.67 0.51
C ILE A 302 8.78 -5.08 0.72
N ILE A 303 7.86 -4.12 0.61
CA ILE A 303 6.44 -4.45 0.50
C ILE A 303 6.07 -4.31 -0.97
N GLY A 304 5.60 -5.40 -1.59
CA GLY A 304 5.40 -5.41 -3.01
C GLY A 304 3.93 -5.16 -3.31
N VAL A 305 3.66 -4.31 -4.30
CA VAL A 305 2.25 -3.90 -4.52
C VAL A 305 2.10 -3.46 -5.97
N GLY A 306 0.95 -3.81 -6.56
CA GLY A 306 0.65 -3.46 -7.95
C GLY A 306 0.06 -4.70 -8.64
N GLY A 307 -1.27 -4.69 -8.82
CA GLY A 307 -1.96 -5.70 -9.60
C GLY A 307 -2.06 -7.09 -8.97
N VAL A 308 -1.99 -7.21 -7.65
CA VAL A 308 -2.15 -8.53 -7.01
C VAL A 308 -3.65 -8.81 -6.90
N SER A 309 -4.08 -9.92 -7.53
CA SER A 309 -5.43 -10.40 -7.28
C SER A 309 -5.50 -11.93 -7.06
N SER A 310 -4.37 -12.63 -7.00
CA SER A 310 -4.38 -14.07 -6.82
C SER A 310 -3.19 -14.48 -5.96
N GLY A 311 -3.25 -15.71 -5.46
CA GLY A 311 -2.09 -16.26 -4.79
C GLY A 311 -0.85 -16.33 -5.69
N GLN A 312 -1.02 -16.69 -6.96
CA GLN A 312 0.14 -16.67 -7.86
C GLN A 312 0.76 -15.27 -7.95
N ASP A 313 -0.08 -14.25 -8.12
CA ASP A 313 0.45 -12.87 -8.18
C ASP A 313 1.22 -12.51 -6.90
N ALA A 314 0.69 -12.89 -5.75
CA ALA A 314 1.39 -12.61 -4.49
C ALA A 314 2.72 -13.36 -4.40
N LEU A 315 2.69 -14.65 -4.70
CA LEU A 315 3.93 -15.46 -4.64
C LEU A 315 4.99 -14.94 -5.62
N GLU A 316 4.58 -14.49 -6.83
CA GLU A 316 5.59 -13.95 -7.75
C GLU A 316 6.31 -12.76 -7.13
N LYS A 317 5.58 -11.86 -6.47
CA LYS A 317 6.25 -10.72 -5.82
C LYS A 317 7.13 -11.16 -4.64
N ILE A 318 6.65 -12.08 -3.84
CA ILE A 318 7.45 -12.60 -2.72
C ILE A 318 8.73 -13.24 -3.22
N ARG A 319 8.62 -14.13 -4.18
CA ARG A 319 9.80 -14.77 -4.76
C ARG A 319 10.75 -13.75 -5.42
N ALA A 320 10.21 -12.63 -5.96
CA ALA A 320 11.04 -11.57 -6.52
C ALA A 320 11.76 -10.77 -5.43
N GLY A 321 11.27 -10.82 -4.19
CA GLY A 321 11.99 -10.21 -3.08
C GLY A 321 11.10 -9.45 -2.11
N ALA A 322 9.77 -9.51 -2.26
CA ALA A 322 8.90 -8.88 -1.28
C ALA A 322 8.73 -9.75 -0.03
N SER A 323 8.86 -9.15 1.16
CA SER A 323 8.51 -9.81 2.43
C SER A 323 7.02 -9.77 2.71
N LEU A 324 6.30 -8.79 2.13
CA LEU A 324 4.88 -8.54 2.36
C LEU A 324 4.31 -8.02 1.04
N VAL A 325 2.99 -8.14 0.83
CA VAL A 325 2.36 -7.61 -0.37
C VAL A 325 1.13 -6.84 0.06
N GLN A 326 0.71 -5.90 -0.81
CA GLN A 326 -0.53 -5.21 -0.61
C GLN A 326 -1.34 -5.29 -1.88
N LEU A 327 -2.63 -4.98 -1.74
CA LEU A 327 -3.47 -4.84 -2.93
C LEU A 327 -4.49 -3.76 -2.65
N TYR A 328 -4.98 -3.16 -3.75
CA TYR A 328 -6.16 -2.31 -3.61
C TYR A 328 -7.13 -2.58 -4.76
N THR A 329 -6.67 -2.40 -6.00
CA THR A 329 -7.58 -2.42 -7.15
C THR A 329 -8.37 -3.74 -7.26
N ALA A 330 -7.76 -4.88 -6.93
CA ALA A 330 -8.51 -6.14 -7.01
C ALA A 330 -9.77 -6.12 -6.14
N LEU A 331 -9.70 -5.43 -4.99
CA LEU A 331 -10.86 -5.28 -4.11
C LEU A 331 -11.99 -4.56 -4.82
N THR A 332 -11.65 -3.61 -5.70
CA THR A 332 -12.71 -2.88 -6.39
C THR A 332 -13.39 -3.75 -7.44
N PHE A 333 -12.76 -4.83 -7.89
CA PHE A 333 -13.43 -5.72 -8.84
C PHE A 333 -14.03 -6.96 -8.18
N TRP A 334 -13.32 -7.61 -7.25
CA TRP A 334 -13.77 -8.83 -6.62
C TRP A 334 -14.51 -8.58 -5.31
N GLY A 335 -14.33 -7.44 -4.66
CA GLY A 335 -14.91 -7.20 -3.36
C GLY A 335 -14.14 -7.89 -2.27
N PRO A 336 -14.65 -7.81 -1.05
CA PRO A 336 -13.93 -8.35 0.15
C PRO A 336 -13.50 -9.82 0.04
N PRO A 337 -14.23 -10.71 -0.65
CA PRO A 337 -13.74 -12.11 -0.73
C PRO A 337 -12.33 -12.26 -1.33
N VAL A 338 -11.84 -11.26 -2.04
CA VAL A 338 -10.52 -11.41 -2.66
C VAL A 338 -9.42 -11.63 -1.62
N VAL A 339 -9.61 -11.12 -0.39
CA VAL A 339 -8.53 -11.24 0.59
C VAL A 339 -8.33 -12.71 0.95
N GLY A 340 -9.42 -13.40 1.32
CA GLY A 340 -9.32 -14.82 1.63
C GLY A 340 -8.86 -15.64 0.44
N LYS A 341 -9.31 -15.26 -0.76
CA LYS A 341 -8.88 -15.94 -1.98
C LYS A 341 -7.36 -15.89 -2.13
N VAL A 342 -6.75 -14.70 -1.99
CA VAL A 342 -5.32 -14.58 -2.20
C VAL A 342 -4.59 -15.40 -1.16
N LYS A 343 -5.08 -15.36 0.11
CA LYS A 343 -4.40 -16.09 1.18
C LYS A 343 -4.47 -17.58 0.99
N ARG A 344 -5.67 -18.10 0.66
CA ARG A 344 -5.79 -19.55 0.44
C ARG A 344 -4.93 -20.02 -0.72
N GLU A 345 -4.90 -19.28 -1.84
CA GLU A 345 -4.12 -19.72 -3.00
C GLU A 345 -2.62 -19.61 -2.73
N LEU A 346 -2.21 -18.59 -2.00
CA LEU A 346 -0.80 -18.45 -1.60
C LEU A 346 -0.36 -19.61 -0.72
N GLU A 347 -1.15 -19.96 0.30
CA GLU A 347 -0.83 -21.16 1.10
C GLU A 347 -0.72 -22.43 0.23
N ALA A 348 -1.71 -22.71 -0.63
CA ALA A 348 -1.61 -23.89 -1.48
C ALA A 348 -0.34 -23.87 -2.34
N LEU A 349 0.00 -22.70 -2.94
CA LEU A 349 1.17 -22.62 -3.80
C LEU A 349 2.48 -22.80 -3.03
N LEU A 350 2.59 -22.17 -1.84
CA LEU A 350 3.75 -22.44 -0.98
C LEU A 350 3.93 -23.94 -0.77
N LYS A 351 2.85 -24.66 -0.45
CA LYS A 351 2.97 -26.09 -0.21
C LYS A 351 3.36 -26.82 -1.47
N GLU A 352 2.73 -26.45 -2.58
CA GLU A 352 3.01 -27.08 -3.86
C GLU A 352 4.46 -26.88 -4.29
N GLN A 353 5.10 -25.76 -3.92
CA GLN A 353 6.45 -25.52 -4.39
C GLN A 353 7.52 -25.95 -3.39
N GLY A 354 7.13 -26.53 -2.28
CA GLY A 354 8.09 -27.06 -1.34
C GLY A 354 8.58 -26.08 -0.29
N PHE A 355 7.94 -24.93 -0.14
CA PHE A 355 8.32 -23.93 0.87
C PHE A 355 7.68 -24.25 2.24
N GLY A 356 8.46 -24.19 3.32
CA GLY A 356 7.87 -24.38 4.65
C GLY A 356 6.96 -23.23 5.06
N GLY A 357 7.13 -22.07 4.47
CA GLY A 357 6.34 -20.93 4.86
C GLY A 357 6.73 -19.79 3.96
N VAL A 358 6.01 -18.69 4.12
CA VAL A 358 6.26 -17.48 3.34
C VAL A 358 7.72 -17.06 3.46
N THR A 359 8.26 -17.13 4.69
CA THR A 359 9.65 -16.68 4.92
C THR A 359 10.65 -17.39 3.99
N ASP A 360 10.45 -18.66 3.74
CA ASP A 360 11.42 -19.37 2.92
C ASP A 360 11.31 -18.97 1.46
N ALA A 361 10.21 -18.30 1.05
CA ALA A 361 10.04 -17.99 -0.36
C ALA A 361 10.52 -16.58 -0.69
N ILE A 362 10.71 -15.72 0.33
CA ILE A 362 11.15 -14.35 0.06
C ILE A 362 12.47 -14.38 -0.71
N GLY A 363 12.47 -13.75 -1.88
CA GLY A 363 13.70 -13.67 -2.64
C GLY A 363 14.13 -14.97 -3.25
N ALA A 364 13.28 -16.02 -3.27
CA ALA A 364 13.79 -17.32 -3.72
C ALA A 364 14.20 -17.32 -5.20
N ASP A 365 13.65 -16.42 -6.05
CA ASP A 365 14.10 -16.41 -7.46
C ASP A 365 15.58 -16.05 -7.60
N HIS A 366 16.13 -15.26 -6.66
CA HIS A 366 17.48 -14.73 -6.74
C HIS A 366 18.52 -15.74 -6.32
N ARG A 367 18.08 -16.84 -5.70
CA ARG A 367 18.92 -17.94 -5.23
C ARG A 367 18.70 -19.14 -6.14
#